data_1KO0
#
_entry.id   1KO0
#
_cell.length_a   98.997
_cell.length_b   98.997
_cell.length_c   176.966
_cell.angle_alpha   90.00
_cell.angle_beta   90.00
_cell.angle_gamma   120.00
#
_symmetry.space_group_name_H-M   'P 61 2 2'
#
loop_
_entity.id
_entity.type
_entity.pdbx_description
1 polymer 'Diaminopimelate decarboxylase'
2 non-polymer "PYRIDOXAL-5'-PHOSPHATE"
3 non-polymer LYSINE
4 non-polymer D-LYSINE
5 water water
#
_entity_poly.entity_id   1
_entity_poly.type   'polypeptide(L)'
_entity_poly.pdbx_seq_one_letter_code
;MPHSLFSTDTDLTAENLLRLPAEFGCPVWVYDAQIIRRQIAALKQFDVVRFAQKACSNIHILRLMREQGVKVDSVSLGEI
ERALAAGYNPQTHPDDIVFTADVIDQATLERVSELQIPVNAGSVDMLDQLGQVSPGHRVWLRVNPGFGHGHSQKTNTGGE
NSKHGIWYTDLPAALDVIQRHHLQLVGIHMHIGSGVDYAHLEQVCGAMVRQVIEFGQDLQAISAGGGLSVPYQQGEEAVD
TEHYYGLWNAAREQIARHLGHPVKLEIEPGRFLVAQSGVLITQVRSVKQMGSRHFVLVDAGFNDLMRPAMYGSYHHISAL
AADGRSLEHAPTVETVVAGPLCESGDVFTQQEGGNVETRALPEVKAGDYLVLHDTGAYGASMSSNYNSRPLLPEVLFDNG
QARLIRRRQTIEELLALELLHHHHH
;
_entity_poly.pdbx_strand_id   A
#
loop_
_chem_comp.id
_chem_comp.type
_chem_comp.name
_chem_comp.formula
PLP non-polymer PYRIDOXAL-5'-PHOSPHATE 'C8 H10 N O6 P'
#
# COMPACT_ATOMS: atom_id res chain seq x y z
N PRO A 2 -7.97 12.53 9.09
CA PRO A 2 -9.06 11.60 8.67
C PRO A 2 -10.40 12.31 8.52
N HIS A 3 -11.43 11.54 8.17
CA HIS A 3 -12.77 12.06 7.99
C HIS A 3 -13.58 11.96 9.29
N SER A 4 -14.53 12.86 9.46
CA SER A 4 -15.45 12.76 10.59
C SER A 4 -16.61 11.82 10.25
N LEU A 5 -17.01 11.01 11.21
CA LEU A 5 -18.09 10.06 11.03
C LEU A 5 -19.46 10.71 11.05
N PHE A 6 -19.54 12.00 11.34
CA PHE A 6 -20.76 12.77 11.33
C PHE A 6 -20.79 13.78 10.20
N SER A 7 -19.62 14.29 9.83
CA SER A 7 -19.50 15.21 8.70
C SER A 7 -19.79 14.46 7.39
N THR A 8 -19.33 13.23 7.35
CA THR A 8 -19.45 12.30 6.31
C THR A 8 -20.32 12.67 5.12
N ASP A 9 -19.65 12.88 3.99
CA ASP A 9 -20.23 12.89 2.66
C ASP A 9 -20.14 11.46 2.08
N THR A 10 -19.09 10.77 2.52
CA THR A 10 -18.82 9.40 2.10
C THR A 10 -19.79 8.42 2.75
N ASP A 11 -19.61 7.13 2.47
CA ASP A 11 -20.43 6.10 3.09
C ASP A 11 -19.92 5.68 4.47
N LEU A 12 -18.79 6.21 4.90
CA LEU A 12 -18.17 5.84 6.16
C LEU A 12 -18.72 6.61 7.36
N THR A 13 -20.02 6.61 7.54
CA THR A 13 -20.68 7.38 8.57
C THR A 13 -20.79 6.58 9.88
N ALA A 14 -21.22 7.27 10.93
CA ALA A 14 -21.45 6.65 12.22
C ALA A 14 -22.55 5.61 12.15
N GLU A 15 -23.66 5.91 11.48
CA GLU A 15 -24.77 4.98 11.37
C GLU A 15 -24.43 3.77 10.51
N ASN A 16 -23.80 4.00 9.36
CA ASN A 16 -23.44 2.88 8.49
C ASN A 16 -22.46 1.92 9.17
N LEU A 17 -21.48 2.47 9.88
CA LEU A 17 -20.47 1.64 10.52
C LEU A 17 -21.00 0.87 11.71
N LEU A 18 -21.90 1.44 12.50
CA LEU A 18 -22.45 0.75 13.65
C LEU A 18 -23.18 -0.52 13.25
N ARG A 19 -23.94 -0.45 12.15
CA ARG A 19 -24.68 -1.60 11.68
C ARG A 19 -23.86 -2.69 11.03
N LEU A 20 -22.68 -2.41 10.51
CA LEU A 20 -21.90 -3.39 9.77
C LEU A 20 -21.50 -4.62 10.55
N PRO A 21 -20.96 -4.47 11.74
CA PRO A 21 -20.56 -5.58 12.58
C PRO A 21 -21.68 -6.56 12.84
N ALA A 22 -22.91 -6.08 13.04
CA ALA A 22 -24.05 -6.96 13.25
C ALA A 22 -24.34 -7.82 12.03
N GLU A 23 -24.13 -7.27 10.84
CA GLU A 23 -24.40 -8.01 9.61
C GLU A 23 -23.25 -8.90 9.20
N PHE A 24 -22.03 -8.39 9.20
CA PHE A 24 -20.90 -9.10 8.63
C PHE A 24 -19.97 -9.72 9.64
N GLY A 25 -20.12 -9.42 10.92
CA GLY A 25 -19.22 -9.94 11.95
C GLY A 25 -18.24 -8.83 12.39
N CYS A 26 -17.45 -9.16 13.40
CA CYS A 26 -16.51 -8.21 13.99
C CYS A 26 -15.31 -8.95 14.58
N PRO A 27 -14.13 -8.38 14.42
CA PRO A 27 -13.92 -7.15 13.71
C PRO A 27 -14.01 -7.30 12.20
N VAL A 28 -13.96 -6.18 11.48
CA VAL A 28 -14.17 -6.19 10.04
C VAL A 28 -13.58 -4.97 9.35
N TRP A 29 -12.96 -5.18 8.19
CA TRP A 29 -12.42 -4.10 7.38
C TRP A 29 -13.52 -3.53 6.45
N VAL A 30 -13.61 -2.21 6.39
CA VAL A 30 -14.64 -1.56 5.56
C VAL A 30 -13.98 -0.56 4.63
N TYR A 31 -14.36 -0.57 3.36
CA TYR A 31 -13.81 0.35 2.37
C TYR A 31 -14.93 1.11 1.63
N ASP A 32 -14.63 2.32 1.21
CA ASP A 32 -15.58 3.14 0.44
C ASP A 32 -15.03 3.34 -0.98
N ALA A 33 -15.61 2.65 -1.94
CA ALA A 33 -15.22 2.68 -3.32
C ALA A 33 -15.12 4.08 -3.90
N GLN A 34 -16.02 4.97 -3.49
CA GLN A 34 -16.01 6.33 -4.04
C GLN A 34 -14.82 7.13 -3.56
N ILE A 35 -14.22 6.76 -2.43
CA ILE A 35 -13.01 7.44 -1.96
C ILE A 35 -11.81 7.02 -2.80
N ILE A 36 -11.77 5.76 -3.19
CA ILE A 36 -10.70 5.28 -4.09
C ILE A 36 -10.81 5.98 -5.45
N ARG A 37 -12.02 6.06 -6.01
CA ARG A 37 -12.22 6.75 -7.28
C ARG A 37 -11.76 8.21 -7.21
N ARG A 38 -12.08 8.88 -6.12
CA ARG A 38 -11.61 10.25 -5.92
C ARG A 38 -10.08 10.33 -5.93
N GLN A 39 -9.38 9.44 -5.23
CA GLN A 39 -7.93 9.45 -5.23
C GLN A 39 -7.36 9.18 -6.63
N ILE A 40 -7.98 8.27 -7.36
CA ILE A 40 -7.57 7.96 -8.73
C ILE A 40 -7.71 9.19 -9.63
N ALA A 41 -8.77 9.96 -9.44
CA ALA A 41 -9.04 11.11 -10.29
C ALA A 41 -7.99 12.18 -10.11
N ALA A 42 -7.44 12.30 -8.89
CA ALA A 42 -6.42 13.28 -8.58
C ALA A 42 -5.12 13.06 -9.33
N LEU A 43 -4.89 11.89 -9.90
CA LEU A 43 -3.69 11.58 -10.65
C LEU A 43 -3.96 11.42 -12.13
N LYS A 44 -5.04 12.03 -12.63
CA LYS A 44 -5.42 11.93 -14.02
C LYS A 44 -4.42 12.54 -14.99
N GLN A 45 -3.52 13.40 -14.56
CA GLN A 45 -2.51 13.98 -15.46
C GLN A 45 -1.51 12.94 -15.94
N PHE A 46 -1.18 11.98 -15.05
CA PHE A 46 -0.17 10.98 -15.43
C PHE A 46 -0.67 10.10 -16.55
N ASP A 47 0.21 9.63 -17.44
CA ASP A 47 -0.20 8.75 -18.53
C ASP A 47 -0.73 7.41 -17.96
N VAL A 48 0.00 6.92 -16.96
CA VAL A 48 -0.33 5.66 -16.32
C VAL A 48 -0.33 5.78 -14.80
N VAL A 49 -1.41 5.30 -14.18
CA VAL A 49 -1.41 5.14 -12.71
C VAL A 49 -1.36 3.62 -12.48
N ARG A 50 -0.27 3.14 -11.93
CA ARG A 50 -0.07 1.71 -11.71
C ARG A 50 -0.13 1.39 -10.22
N PHE A 51 -1.24 0.81 -9.77
CA PHE A 51 -1.50 0.57 -8.36
C PHE A 51 -0.52 -0.47 -7.78
N ALA A 52 0.12 -0.08 -6.70
CA ALA A 52 0.98 -1.00 -5.94
C ALA A 52 0.05 -1.86 -5.06
N GLN A 53 -0.38 -3.01 -5.60
CA GLN A 53 -1.44 -3.78 -4.96
C GLN A 53 -1.08 -4.35 -3.61
N LYS A 54 0.18 -4.31 -3.22
CA LYS A 54 0.59 -4.74 -1.87
C LYS A 54 0.01 -3.84 -0.80
N ALA A 55 -0.51 -2.66 -1.16
CA ALA A 55 -1.18 -1.80 -0.20
C ALA A 55 -2.58 -2.27 0.15
N CYS A 56 -3.23 -2.99 -0.73
CA CYS A 56 -4.64 -3.43 -0.53
C CYS A 56 -5.00 -4.31 -1.73
N SER A 57 -4.85 -5.63 -1.58
CA SER A 57 -4.87 -6.55 -2.67
C SER A 57 -6.17 -7.22 -2.98
N ASN A 58 -7.21 -7.04 -2.21
CA ASN A 58 -8.48 -7.76 -2.50
C ASN A 58 -8.77 -7.66 -4.00
N ILE A 59 -9.12 -8.77 -4.63
CA ILE A 59 -9.39 -8.79 -6.05
C ILE A 59 -10.54 -7.93 -6.51
N HIS A 60 -11.53 -7.69 -5.68
CA HIS A 60 -12.64 -6.80 -6.02
C HIS A 60 -12.19 -5.35 -6.05
N ILE A 61 -11.22 -5.01 -5.20
CA ILE A 61 -10.67 -3.66 -5.22
C ILE A 61 -9.72 -3.50 -6.40
N LEU A 62 -9.05 -4.60 -6.81
CA LEU A 62 -8.25 -4.57 -8.02
C LEU A 62 -9.16 -4.41 -9.26
N ARG A 63 -10.32 -5.05 -9.22
CA ARG A 63 -11.28 -4.96 -10.31
C ARG A 63 -11.76 -3.52 -10.49
N LEU A 64 -11.99 -2.85 -9.36
CA LEU A 64 -12.37 -1.45 -9.35
C LEU A 64 -11.27 -0.57 -9.93
N MET A 65 -10.01 -0.85 -9.61
CA MET A 65 -8.90 -0.13 -10.20
C MET A 65 -8.91 -0.24 -11.73
N ARG A 66 -8.98 -1.48 -12.19
CA ARG A 66 -9.00 -1.79 -13.60
C ARG A 66 -10.15 -1.11 -14.34
N GLU A 67 -11.35 -1.17 -13.74
CA GLU A 67 -12.50 -0.44 -14.22
C GLU A 67 -12.19 1.04 -14.45
N GLN A 68 -11.40 1.65 -13.59
CA GLN A 68 -11.03 3.04 -13.70
C GLN A 68 -9.81 3.30 -14.56
N GLY A 69 -9.29 2.30 -15.25
CA GLY A 69 -8.16 2.49 -16.14
C GLY A 69 -6.81 2.46 -15.44
N VAL A 70 -6.79 2.04 -14.19
CA VAL A 70 -5.54 1.91 -13.43
C VAL A 70 -4.90 0.54 -13.70
N LYS A 71 -3.59 0.54 -13.90
CA LYS A 71 -2.87 -0.73 -14.14
C LYS A 71 -2.36 -1.24 -12.82
N VAL A 72 -1.53 -2.28 -12.79
CA VAL A 72 -1.18 -2.85 -11.48
C VAL A 72 0.24 -3.35 -11.41
N ASP A 73 0.87 -3.13 -10.24
CA ASP A 73 2.21 -3.63 -10.01
C ASP A 73 2.12 -4.88 -9.09
N SER A 74 2.71 -5.96 -9.52
CA SER A 74 2.80 -7.18 -8.70
C SER A 74 4.23 -7.36 -8.17
N VAL A 75 4.35 -7.71 -6.88
CA VAL A 75 5.67 -7.94 -6.31
C VAL A 75 5.91 -9.38 -5.93
N SER A 76 4.98 -10.27 -6.25
CA SER A 76 5.12 -11.69 -5.97
C SER A 76 4.24 -12.52 -6.91
N LEU A 77 4.43 -13.83 -6.89
CA LEU A 77 3.63 -14.72 -7.71
C LEU A 77 2.15 -14.64 -7.29
N GLY A 78 1.92 -14.55 -5.99
CA GLY A 78 0.56 -14.41 -5.47
C GLY A 78 -0.13 -13.16 -6.00
N GLU A 79 0.59 -12.05 -6.10
CA GLU A 79 0.00 -10.83 -6.63
C GLU A 79 -0.27 -10.91 -8.12
N ILE A 80 0.55 -11.65 -8.86
CA ILE A 80 0.28 -11.91 -10.27
C ILE A 80 -1.06 -12.64 -10.43
N GLU A 81 -1.27 -13.67 -9.61
CA GLU A 81 -2.50 -14.45 -9.69
C GLU A 81 -3.70 -13.61 -9.30
N ARG A 82 -3.51 -12.69 -8.35
CA ARG A 82 -4.56 -11.78 -7.95
C ARG A 82 -4.92 -10.84 -9.11
N ALA A 83 -3.91 -10.32 -9.80
CA ALA A 83 -4.17 -9.43 -10.93
C ALA A 83 -4.94 -10.17 -12.02
N LEU A 84 -4.56 -11.41 -12.30
CA LEU A 84 -5.28 -12.21 -13.29
C LEU A 84 -6.70 -12.49 -12.86
N ALA A 85 -6.94 -12.73 -11.56
CA ALA A 85 -8.32 -12.98 -11.09
C ALA A 85 -9.17 -11.72 -11.19
N ALA A 86 -8.55 -10.54 -11.17
CA ALA A 86 -9.30 -9.29 -11.27
C ALA A 86 -9.52 -8.89 -12.74
N GLY A 87 -9.09 -9.73 -13.66
CA GLY A 87 -9.36 -9.52 -15.07
C GLY A 87 -8.27 -8.85 -15.85
N TYR A 88 -7.12 -8.53 -15.21
CA TYR A 88 -6.00 -8.01 -16.02
C TYR A 88 -5.55 -9.16 -16.93
N ASN A 89 -5.00 -8.84 -18.08
CA ASN A 89 -4.71 -9.87 -19.08
C ASN A 89 -3.48 -9.49 -19.91
N PRO A 90 -2.36 -10.17 -19.65
CA PRO A 90 -1.13 -9.92 -20.36
C PRO A 90 -1.15 -10.33 -21.83
N GLN A 91 -2.03 -11.24 -22.22
CA GLN A 91 -2.10 -11.66 -23.63
C GLN A 91 -2.60 -10.50 -24.49
N THR A 92 -3.65 -9.83 -24.06
CA THR A 92 -4.22 -8.74 -24.87
C THR A 92 -3.54 -7.39 -24.57
N HIS A 93 -3.20 -7.15 -23.31
CA HIS A 93 -2.57 -5.94 -22.87
C HIS A 93 -1.31 -6.21 -22.08
N PRO A 94 -0.16 -6.18 -22.76
CA PRO A 94 1.09 -6.61 -22.20
C PRO A 94 1.62 -5.78 -21.08
N ASP A 95 1.24 -4.52 -20.94
CA ASP A 95 1.75 -3.67 -19.88
C ASP A 95 0.76 -3.44 -18.75
N ASP A 96 -0.35 -4.16 -18.73
CA ASP A 96 -1.31 -4.00 -17.63
C ASP A 96 -0.80 -4.60 -16.34
N ILE A 97 0.08 -5.58 -16.38
CA ILE A 97 0.77 -6.08 -15.18
C ILE A 97 2.30 -5.98 -15.34
N VAL A 98 2.95 -5.37 -14.38
CA VAL A 98 4.41 -5.41 -14.29
C VAL A 98 4.78 -6.20 -13.01
N PHE A 99 5.73 -7.12 -13.11
CA PHE A 99 6.24 -7.82 -11.95
C PHE A 99 7.52 -7.12 -11.46
N THR A 100 7.47 -6.59 -10.25
CA THR A 100 8.53 -5.77 -9.69
C THR A 100 9.08 -6.33 -8.40
N ALA A 101 10.41 -6.49 -8.33
CA ALA A 101 11.06 -7.00 -7.12
C ALA A 101 12.57 -6.97 -7.23
N ASP A 102 13.27 -7.25 -6.15
CA ASP A 102 14.73 -7.32 -6.15
C ASP A 102 15.22 -8.76 -6.34
N VAL A 103 14.27 -9.68 -6.25
CA VAL A 103 14.54 -11.11 -6.36
C VAL A 103 13.48 -11.77 -7.21
N ILE A 104 13.81 -12.88 -7.84
CA ILE A 104 12.84 -13.70 -8.56
C ILE A 104 13.10 -15.18 -8.32
N ASP A 105 12.05 -15.93 -8.05
CA ASP A 105 12.20 -17.38 -7.79
C ASP A 105 11.80 -18.17 -9.03
N GLN A 106 12.04 -19.47 -9.02
CA GLN A 106 11.75 -20.34 -10.14
C GLN A 106 10.31 -20.30 -10.62
N ALA A 107 9.34 -20.45 -9.72
CA ALA A 107 7.94 -20.45 -10.12
C ALA A 107 7.53 -19.13 -10.78
N THR A 108 8.04 -18.02 -10.29
CA THR A 108 7.72 -16.71 -10.83
C THR A 108 8.36 -16.51 -12.20
N LEU A 109 9.59 -16.98 -12.36
CA LEU A 109 10.28 -16.99 -13.64
C LEU A 109 9.45 -17.73 -14.69
N GLU A 110 8.92 -18.89 -14.31
CA GLU A 110 8.10 -19.66 -15.23
C GLU A 110 6.81 -18.95 -15.57
N ARG A 111 6.18 -18.32 -14.60
CA ARG A 111 4.94 -17.60 -14.80
C ARG A 111 5.14 -16.34 -15.64
N VAL A 112 6.16 -15.52 -15.33
CA VAL A 112 6.37 -14.33 -16.15
C VAL A 112 6.83 -14.67 -17.56
N SER A 113 7.58 -15.75 -17.76
CA SER A 113 8.01 -16.15 -19.09
C SER A 113 6.80 -16.61 -19.92
N GLU A 114 5.99 -17.44 -19.28
CA GLU A 114 4.82 -18.04 -19.92
C GLU A 114 3.85 -16.96 -20.40
N LEU A 115 3.57 -15.98 -19.56
CA LEU A 115 2.55 -14.99 -19.86
C LEU A 115 3.17 -13.73 -20.48
N GLN A 116 4.49 -13.68 -20.51
CA GLN A 116 5.20 -12.51 -21.03
C GLN A 116 4.79 -11.26 -20.26
N ILE A 117 4.86 -11.38 -18.93
CA ILE A 117 4.67 -10.21 -18.05
C ILE A 117 6.01 -9.49 -17.90
N PRO A 118 6.04 -8.22 -18.31
CA PRO A 118 7.23 -7.41 -18.18
C PRO A 118 7.77 -7.44 -16.76
N VAL A 119 9.10 -7.51 -16.64
CA VAL A 119 9.73 -7.60 -15.33
C VAL A 119 10.53 -6.35 -14.99
N ASN A 120 10.25 -5.78 -13.82
CA ASN A 120 11.05 -4.67 -13.30
C ASN A 120 12.08 -5.26 -12.33
N ALA A 121 13.30 -5.44 -12.82
CA ALA A 121 14.37 -6.06 -12.05
C ALA A 121 15.08 -5.07 -11.14
N GLY A 122 15.24 -5.46 -9.87
CA GLY A 122 15.92 -4.64 -8.89
C GLY A 122 17.27 -5.18 -8.47
N SER A 123 17.77 -6.22 -9.11
CA SER A 123 19.12 -6.71 -8.89
C SER A 123 19.66 -7.22 -10.23
N VAL A 124 20.95 -7.08 -10.46
CA VAL A 124 21.56 -7.61 -11.69
C VAL A 124 21.38 -9.12 -11.79
N ASP A 125 21.48 -9.85 -10.67
CA ASP A 125 21.33 -11.30 -10.67
C ASP A 125 19.96 -11.74 -11.22
N MET A 126 18.93 -11.06 -10.74
CA MET A 126 17.56 -11.33 -11.15
C MET A 126 17.36 -11.09 -12.64
N LEU A 127 17.99 -10.04 -13.16
CA LEU A 127 17.91 -9.74 -14.61
C LEU A 127 18.58 -10.85 -15.42
N ASP A 128 19.69 -11.38 -14.89
CA ASP A 128 20.40 -12.48 -15.53
C ASP A 128 19.60 -13.77 -15.49
N GLN A 129 18.97 -14.07 -14.36
CA GLN A 129 18.15 -15.27 -14.23
C GLN A 129 16.96 -15.24 -15.18
N LEU A 130 16.35 -14.05 -15.30
CA LEU A 130 15.22 -13.88 -16.21
C LEU A 130 15.69 -14.08 -17.65
N GLY A 131 16.78 -13.41 -17.99
CA GLY A 131 17.30 -13.42 -19.35
C GLY A 131 17.71 -14.81 -19.80
N GLN A 132 18.31 -15.58 -18.89
CA GLN A 132 18.75 -16.93 -19.24
C GLN A 132 17.60 -17.84 -19.61
N VAL A 133 16.43 -17.69 -18.97
CA VAL A 133 15.29 -18.54 -19.31
C VAL A 133 14.32 -17.87 -20.26
N SER A 134 14.41 -16.55 -20.44
CA SER A 134 13.46 -15.87 -21.35
C SER A 134 14.18 -14.79 -22.13
N PRO A 135 15.02 -15.21 -23.07
CA PRO A 135 15.80 -14.28 -23.88
C PRO A 135 14.89 -13.32 -24.63
N GLY A 136 15.26 -12.05 -24.66
CA GLY A 136 14.49 -11.00 -25.26
C GLY A 136 13.32 -10.50 -24.43
N HIS A 137 13.22 -10.88 -23.16
CA HIS A 137 12.09 -10.47 -22.32
C HIS A 137 12.03 -8.94 -22.23
N ARG A 138 10.82 -8.41 -22.05
CA ARG A 138 10.65 -6.96 -21.90
C ARG A 138 10.85 -6.57 -20.45
N VAL A 139 11.80 -5.69 -20.15
CA VAL A 139 12.13 -5.37 -18.79
C VAL A 139 12.14 -3.89 -18.45
N TRP A 140 12.03 -3.60 -17.16
CA TRP A 140 12.33 -2.30 -16.59
C TRP A 140 13.57 -2.48 -15.66
N LEU A 141 14.24 -1.40 -15.38
CA LEU A 141 15.35 -1.40 -14.43
C LEU A 141 14.97 -0.47 -13.26
N ARG A 142 14.89 -1.05 -12.06
CA ARG A 142 14.72 -0.21 -10.87
C ARG A 142 16.12 0.23 -10.39
N VAL A 143 16.32 1.53 -10.33
CA VAL A 143 17.59 2.11 -9.96
C VAL A 143 17.60 2.72 -8.56
N ASN A 144 18.61 2.34 -7.77
CA ASN A 144 18.88 3.01 -6.51
C ASN A 144 19.86 4.16 -6.78
N PRO A 145 19.39 5.39 -6.57
CA PRO A 145 20.12 6.57 -6.99
C PRO A 145 21.18 7.02 -6.02
N GLY A 146 21.41 6.24 -4.94
CA GLY A 146 22.44 6.56 -3.99
C GLY A 146 21.94 7.18 -2.71
N PHE A 147 20.63 7.40 -2.59
CA PHE A 147 20.04 7.95 -1.39
C PHE A 147 18.58 7.54 -1.25
N GLY A 148 18.10 7.52 -0.01
CA GLY A 148 16.73 7.14 0.26
C GLY A 148 15.94 8.33 0.81
N HIS A 149 15.09 8.03 1.79
CA HIS A 149 14.35 9.07 2.51
C HIS A 149 14.37 8.73 4.00
N GLY A 150 14.46 9.74 4.86
CA GLY A 150 14.47 9.51 6.29
C GLY A 150 15.85 9.11 6.81
N HIS A 151 15.88 8.65 8.06
CA HIS A 151 17.14 8.26 8.69
C HIS A 151 17.85 7.24 7.79
N SER A 152 19.07 7.56 7.39
CA SER A 152 19.80 6.81 6.39
C SER A 152 20.68 5.70 6.91
N GLN A 153 20.82 5.58 8.23
CA GLN A 153 21.41 4.39 8.83
C GLN A 153 20.41 3.21 8.76
N LYS A 154 19.13 3.56 8.80
CA LYS A 154 18.05 2.62 8.91
C LYS A 154 17.62 1.98 7.62
N THR A 155 16.85 0.88 7.75
CA THR A 155 16.36 0.18 6.55
C THR A 155 15.65 1.21 5.67
N ASN A 156 15.99 1.24 4.38
CA ASN A 156 15.58 2.37 3.53
C ASN A 156 15.07 1.96 2.18
N THR A 157 14.39 2.87 1.47
CA THR A 157 13.95 2.59 0.09
C THR A 157 15.05 2.89 -0.91
N GLY A 158 16.08 3.59 -0.44
CA GLY A 158 17.22 3.95 -1.28
C GLY A 158 18.46 4.09 -0.41
N GLY A 159 19.58 4.41 -1.06
CA GLY A 159 20.83 4.59 -0.31
C GLY A 159 21.47 3.22 -0.08
N GLU A 160 22.63 3.22 0.57
CA GLU A 160 23.38 2.02 0.80
C GLU A 160 22.79 1.10 1.86
N ASN A 161 21.90 1.60 2.70
CA ASN A 161 21.23 0.76 3.68
C ASN A 161 19.85 0.34 3.21
N SER A 162 19.73 0.11 1.91
CA SER A 162 18.52 -0.39 1.28
C SER A 162 18.86 -1.61 0.42
N LYS A 163 17.99 -2.61 0.41
CA LYS A 163 18.22 -3.77 -0.45
C LYS A 163 17.66 -3.54 -1.85
N HIS A 164 16.96 -2.43 -2.05
CA HIS A 164 16.18 -2.19 -3.22
C HIS A 164 16.92 -1.56 -4.39
N GLY A 165 16.72 -2.13 -5.56
CA GLY A 165 17.16 -1.59 -6.80
C GLY A 165 18.63 -1.74 -7.13
N ILE A 166 18.90 -1.57 -8.44
CA ILE A 166 20.28 -1.69 -8.91
C ILE A 166 21.06 -0.45 -8.52
N TRP A 167 22.12 -0.63 -7.74
CA TRP A 167 22.94 0.53 -7.36
C TRP A 167 23.32 1.28 -8.64
N TYR A 168 23.20 2.58 -8.67
CA TYR A 168 23.41 3.38 -9.87
C TYR A 168 24.75 3.20 -10.53
N THR A 169 25.82 2.93 -9.77
CA THR A 169 27.11 2.64 -10.37
C THR A 169 27.24 1.22 -10.90
N ASP A 170 26.26 0.35 -10.66
CA ASP A 170 26.25 -0.98 -11.23
C ASP A 170 25.52 -1.05 -12.57
N LEU A 171 25.08 0.09 -13.11
CA LEU A 171 24.35 0.12 -14.36
C LEU A 171 25.04 -0.48 -15.53
N PRO A 172 26.32 -0.20 -15.75
CA PRO A 172 27.08 -0.80 -16.83
C PRO A 172 27.01 -2.31 -16.80
N ALA A 173 27.10 -2.92 -15.60
CA ALA A 173 26.95 -4.38 -15.50
C ALA A 173 25.53 -4.79 -15.86
N ALA A 174 24.55 -3.95 -15.46
CA ALA A 174 23.17 -4.27 -15.87
C ALA A 174 23.08 -4.28 -17.39
N LEU A 175 23.71 -3.31 -18.05
CA LEU A 175 23.66 -3.23 -19.51
C LEU A 175 24.29 -4.46 -20.14
N ASP A 176 25.43 -4.92 -19.60
CA ASP A 176 26.06 -6.13 -20.12
C ASP A 176 25.06 -7.30 -20.11
N VAL A 177 24.33 -7.44 -19.00
CA VAL A 177 23.32 -8.50 -18.91
C VAL A 177 22.22 -8.30 -19.92
N ILE A 178 21.75 -7.06 -20.06
CA ILE A 178 20.70 -6.76 -21.06
C ILE A 178 21.16 -7.19 -22.44
N GLN A 179 22.38 -6.82 -22.80
CA GLN A 179 22.94 -7.16 -24.09
C GLN A 179 23.17 -8.64 -24.27
N ARG A 180 23.67 -9.33 -23.25
CA ARG A 180 23.89 -10.76 -23.32
C ARG A 180 22.64 -11.54 -23.68
N HIS A 181 21.50 -11.20 -23.06
CA HIS A 181 20.28 -11.95 -23.30
C HIS A 181 19.30 -11.23 -24.22
N HIS A 182 19.74 -10.15 -24.87
CA HIS A 182 18.90 -9.43 -25.82
C HIS A 182 17.64 -8.89 -25.18
N LEU A 183 17.71 -8.51 -23.91
CA LEU A 183 16.52 -8.05 -23.20
C LEU A 183 16.05 -6.71 -23.81
N GLN A 184 14.74 -6.51 -23.79
CA GLN A 184 14.16 -5.29 -24.38
C GLN A 184 13.82 -4.29 -23.28
N LEU A 185 14.58 -3.21 -23.20
CA LEU A 185 14.37 -2.19 -22.19
C LEU A 185 13.13 -1.35 -22.49
N VAL A 186 12.13 -1.47 -21.63
CA VAL A 186 10.88 -0.75 -21.72
C VAL A 186 10.95 0.56 -20.93
N GLY A 187 11.58 0.50 -19.75
CA GLY A 187 11.63 1.67 -18.92
C GLY A 187 12.59 1.62 -17.77
N ILE A 188 12.73 2.78 -17.11
CA ILE A 188 13.57 2.91 -15.93
C ILE A 188 12.74 3.50 -14.79
N HIS A 189 12.90 2.90 -13.61
CA HIS A 189 11.97 3.15 -12.50
C HIS A 189 12.75 3.47 -11.24
N MET A 190 12.17 4.31 -10.38
CA MET A 190 12.68 4.57 -9.06
C MET A 190 11.52 4.57 -8.06
N HIS A 191 11.75 3.95 -6.91
CA HIS A 191 10.80 4.03 -5.81
C HIS A 191 11.52 4.39 -4.53
N ILE A 192 11.39 5.65 -4.15
CA ILE A 192 12.08 6.18 -2.98
C ILE A 192 11.07 6.70 -1.97
N GLY A 193 10.15 7.55 -2.47
CA GLY A 193 9.05 8.03 -1.63
C GLY A 193 9.42 9.38 -1.01
N SER A 194 8.65 10.42 -1.35
CA SER A 194 8.95 11.74 -0.84
C SER A 194 7.85 12.31 0.04
N GLY A 195 6.68 11.70 0.05
CA GLY A 195 5.56 12.28 0.81
C GLY A 195 5.27 13.69 0.28
N VAL A 196 5.27 14.67 1.18
CA VAL A 196 5.03 16.06 0.79
C VAL A 196 6.34 16.86 0.87
N ASP A 197 7.46 16.17 0.86
CA ASP A 197 8.77 16.83 0.88
C ASP A 197 9.20 17.08 -0.56
N TYR A 198 8.76 18.22 -1.10
CA TYR A 198 8.90 18.50 -2.51
C TYR A 198 10.31 18.75 -2.95
N ALA A 199 11.17 19.18 -2.03
CA ALA A 199 12.60 19.33 -2.31
C ALA A 199 13.26 17.97 -2.49
N HIS A 200 12.87 17.01 -1.64
CA HIS A 200 13.37 15.64 -1.78
C HIS A 200 12.87 15.03 -3.09
N LEU A 201 11.61 15.30 -3.43
CA LEU A 201 11.03 14.80 -4.66
C LEU A 201 11.79 15.27 -5.89
N GLU A 202 12.26 16.51 -5.87
CA GLU A 202 13.01 17.09 -6.98
C GLU A 202 14.39 16.49 -7.11
N GLN A 203 14.97 16.06 -5.98
CA GLN A 203 16.22 15.28 -6.03
C GLN A 203 15.99 13.94 -6.73
N VAL A 204 14.88 13.28 -6.44
CA VAL A 204 14.55 12.01 -7.10
C VAL A 204 14.32 12.24 -8.59
N CYS A 205 13.55 13.28 -8.91
CA CYS A 205 13.32 13.63 -10.32
C CYS A 205 14.63 13.93 -11.03
N GLY A 206 15.48 14.73 -10.40
CA GLY A 206 16.78 15.07 -10.98
C GLY A 206 17.68 13.88 -11.13
N ALA A 207 17.64 12.92 -10.20
CA ALA A 207 18.45 11.71 -10.30
C ALA A 207 18.00 10.84 -11.44
N MET A 208 16.69 10.71 -11.63
CA MET A 208 16.16 9.95 -12.77
C MET A 208 16.63 10.53 -14.08
N VAL A 209 16.55 11.85 -14.25
CA VAL A 209 17.02 12.48 -15.50
C VAL A 209 18.49 12.13 -15.74
N ARG A 210 19.32 12.46 -14.77
CA ARG A 210 20.75 12.20 -14.79
C ARG A 210 21.08 10.77 -15.12
N GLN A 211 20.48 9.82 -14.40
CA GLN A 211 20.78 8.41 -14.61
C GLN A 211 20.29 7.87 -15.92
N VAL A 212 19.09 8.26 -16.34
CA VAL A 212 18.57 7.80 -17.65
C VAL A 212 19.46 8.30 -18.78
N ILE A 213 19.84 9.57 -18.73
CA ILE A 213 20.65 10.17 -19.78
C ILE A 213 22.05 9.58 -19.80
N GLU A 214 22.67 9.39 -18.64
CA GLU A 214 23.97 8.75 -18.55
C GLU A 214 23.96 7.33 -19.06
N PHE A 215 22.93 6.56 -18.71
CA PHE A 215 22.81 5.17 -19.15
C PHE A 215 22.81 5.08 -20.67
N GLY A 216 22.15 6.04 -21.34
CA GLY A 216 22.26 6.18 -22.78
C GLY A 216 21.53 5.14 -23.58
N GLN A 217 20.52 4.48 -22.99
CA GLN A 217 19.75 3.48 -23.69
C GLN A 217 18.37 4.05 -24.05
N ASP A 218 17.86 3.62 -25.20
CA ASP A 218 16.50 4.01 -25.57
C ASP A 218 15.50 3.30 -24.65
N LEU A 219 14.37 3.91 -24.40
CA LEU A 219 13.32 3.32 -23.57
C LEU A 219 11.98 3.96 -23.91
N GLN A 220 10.88 3.34 -23.47
CA GLN A 220 9.56 3.82 -23.79
C GLN A 220 8.90 4.59 -22.65
N ALA A 221 9.36 4.34 -21.42
CA ALA A 221 8.67 4.92 -20.27
C ALA A 221 9.58 5.08 -19.07
N ILE A 222 9.18 5.96 -18.16
CA ILE A 222 9.81 6.05 -16.86
C ILE A 222 8.72 5.95 -15.79
N SER A 223 9.11 5.61 -14.56
CA SER A 223 8.17 5.58 -13.45
C SER A 223 8.68 6.35 -12.26
N ALA A 224 7.79 7.11 -11.63
CA ALA A 224 8.06 7.89 -10.44
C ALA A 224 8.01 7.04 -9.17
N GLY A 225 7.53 5.80 -9.30
CA GLY A 225 7.39 4.96 -8.10
C GLY A 225 6.24 5.50 -7.26
N GLY A 226 6.19 5.08 -5.99
CA GLY A 226 5.07 5.48 -5.12
C GLY A 226 5.57 6.39 -4.01
N GLY A 227 4.93 6.32 -2.85
CA GLY A 227 5.41 7.09 -1.70
C GLY A 227 4.65 8.37 -1.47
N LEU A 228 3.54 8.56 -2.18
CA LEU A 228 2.69 9.73 -1.87
C LEU A 228 2.14 9.51 -0.46
N SER A 229 2.23 10.51 0.39
CA SER A 229 1.79 10.34 1.79
C SER A 229 0.32 10.65 1.91
N VAL A 230 -0.29 10.28 3.03
CA VAL A 230 -1.61 10.71 3.40
C VAL A 230 -1.57 11.25 4.84
N PRO A 231 -2.38 12.24 5.11
CA PRO A 231 -2.42 12.88 6.42
C PRO A 231 -3.23 12.05 7.41
N TYR A 232 -2.56 11.23 8.19
CA TYR A 232 -3.22 10.37 9.18
C TYR A 232 -3.70 11.18 10.38
N GLN A 233 -3.03 12.29 10.66
CA GLN A 233 -3.37 13.11 11.81
C GLN A 233 -3.99 14.44 11.40
N GLN A 234 -4.94 14.86 12.19
CA GLN A 234 -5.55 16.16 12.20
C GLN A 234 -4.62 17.29 11.78
N GLY A 235 -4.95 18.01 10.72
CA GLY A 235 -4.21 19.14 10.24
C GLY A 235 -2.99 18.91 9.44
N GLU A 236 -2.54 17.67 9.22
CA GLU A 236 -1.36 17.44 8.39
C GLU A 236 -1.70 17.76 6.92
N GLU A 237 -0.69 18.03 6.14
CA GLU A 237 -0.84 18.46 4.75
C GLU A 237 -1.00 17.27 3.80
N ALA A 238 -2.00 17.34 2.93
CA ALA A 238 -2.23 16.33 1.92
C ALA A 238 -1.32 16.57 0.70
N VAL A 239 -1.08 15.55 -0.08
CA VAL A 239 -0.22 15.69 -1.26
C VAL A 239 -0.85 16.64 -2.27
N ASP A 240 -0.02 17.42 -2.93
CA ASP A 240 -0.48 18.24 -4.08
C ASP A 240 -0.09 17.50 -5.37
N THR A 241 -1.03 16.80 -5.96
CA THR A 241 -0.79 15.96 -7.13
C THR A 241 -0.33 16.74 -8.35
N GLU A 242 -0.76 17.99 -8.48
CA GLU A 242 -0.35 18.82 -9.61
C GLU A 242 1.13 19.17 -9.49
N HIS A 243 1.57 19.34 -8.25
CA HIS A 243 2.98 19.59 -7.95
C HIS A 243 3.83 18.36 -8.24
N TYR A 244 3.31 17.18 -7.90
CA TYR A 244 3.98 15.92 -8.23
C TYR A 244 4.10 15.77 -9.76
N TYR A 245 2.99 16.09 -10.44
CA TYR A 245 2.97 16.00 -11.88
C TYR A 245 3.93 17.01 -12.50
N GLY A 246 3.89 18.25 -11.98
CA GLY A 246 4.82 19.28 -12.50
C GLY A 246 6.25 18.76 -12.50
N LEU A 247 6.70 18.27 -11.34
CA LEU A 247 8.10 17.87 -11.21
C LEU A 247 8.44 16.65 -12.02
N TRP A 248 7.57 15.64 -12.09
CA TRP A 248 7.89 14.43 -12.84
C TRP A 248 7.72 14.60 -14.33
N ASN A 249 6.68 15.34 -14.73
CA ASN A 249 6.52 15.67 -16.15
C ASN A 249 7.74 16.42 -16.67
N ALA A 250 8.26 17.38 -15.89
CA ALA A 250 9.47 18.08 -16.28
C ALA A 250 10.64 17.14 -16.47
N ALA A 251 10.77 16.14 -15.59
CA ALA A 251 11.82 15.13 -15.74
C ALA A 251 11.58 14.27 -16.97
N ARG A 252 10.33 13.85 -17.18
CA ARG A 252 10.00 13.06 -18.36
C ARG A 252 10.30 13.82 -19.64
N GLU A 253 9.97 15.10 -19.69
CA GLU A 253 10.23 15.94 -20.85
C GLU A 253 11.71 16.06 -21.15
N GLN A 254 12.56 16.28 -20.15
CA GLN A 254 14.01 16.33 -20.43
C GLN A 254 14.47 15.02 -21.06
N ILE A 255 14.02 13.90 -20.48
CA ILE A 255 14.34 12.59 -21.03
C ILE A 255 13.81 12.40 -22.44
N ALA A 256 12.56 12.75 -22.69
CA ALA A 256 11.99 12.62 -24.03
C ALA A 256 12.77 13.44 -25.05
N ARG A 257 13.18 14.65 -24.65
CA ARG A 257 13.99 15.50 -25.52
C ARG A 257 15.34 14.87 -25.80
N HIS A 258 15.94 14.23 -24.78
CA HIS A 258 17.18 13.51 -25.02
C HIS A 258 17.00 12.36 -25.98
N LEU A 259 15.89 11.62 -25.88
CA LEU A 259 15.67 10.45 -26.71
C LEU A 259 15.10 10.76 -28.08
N GLY A 260 14.50 11.93 -28.25
CA GLY A 260 13.94 12.33 -29.53
C GLY A 260 12.56 11.75 -29.80
N HIS A 261 11.86 11.33 -28.75
CA HIS A 261 10.48 10.82 -28.94
C HIS A 261 9.75 10.80 -27.61
N PRO A 262 8.43 10.75 -27.65
CA PRO A 262 7.62 10.75 -26.45
C PRO A 262 7.97 9.63 -25.50
N VAL A 263 7.99 9.96 -24.21
CA VAL A 263 8.28 8.94 -23.17
C VAL A 263 7.09 8.90 -22.21
N LYS A 264 6.50 7.74 -22.01
CA LYS A 264 5.35 7.62 -21.10
C LYS A 264 5.78 7.80 -19.64
N LEU A 265 4.90 8.37 -18.84
CA LEU A 265 5.12 8.63 -17.45
C LEU A 265 4.14 7.86 -16.56
N GLU A 266 4.70 6.92 -15.80
CA GLU A 266 3.90 6.17 -14.83
C GLU A 266 4.10 6.78 -13.43
N ILE A 267 3.10 6.69 -12.60
CA ILE A 267 3.22 6.88 -11.15
C ILE A 267 2.65 5.61 -10.50
N GLU A 268 3.24 5.16 -9.42
CA GLU A 268 2.92 3.86 -8.82
C GLU A 268 2.52 3.96 -7.35
N PRO A 269 1.43 4.63 -7.05
CA PRO A 269 0.98 4.82 -5.69
C PRO A 269 0.33 3.57 -5.12
N GLY A 270 0.47 3.42 -3.81
CA GLY A 270 -0.24 2.30 -3.12
C GLY A 270 -1.17 3.01 -2.10
N ARG A 271 -0.54 3.48 -1.03
CA ARG A 271 -1.20 4.16 0.04
C ARG A 271 -2.14 5.27 -0.41
N PHE A 272 -1.68 6.15 -1.27
CA PHE A 272 -2.46 7.35 -1.65
C PHE A 272 -3.82 6.98 -2.18
N LEU A 273 -3.91 5.99 -3.05
CA LEU A 273 -5.17 5.55 -3.63
C LEU A 273 -6.15 4.94 -2.67
N VAL A 274 -5.67 4.40 -1.54
CA VAL A 274 -6.53 3.42 -0.82
C VAL A 274 -6.60 3.60 0.64
N ALA A 275 -5.65 4.28 1.30
CA ALA A 275 -5.60 4.45 2.73
C ALA A 275 -6.84 5.05 3.35
N GLN A 276 -7.22 6.25 2.94
CA GLN A 276 -8.36 6.96 3.48
C GLN A 276 -9.70 6.35 3.17
N SER A 277 -9.78 5.46 2.17
CA SER A 277 -10.99 4.76 1.86
C SER A 277 -11.38 3.70 2.89
N GLY A 278 -10.44 3.24 3.72
CA GLY A 278 -10.71 2.09 4.58
C GLY A 278 -10.75 2.42 6.05
N VAL A 279 -11.60 1.70 6.80
CA VAL A 279 -11.61 1.74 8.25
C VAL A 279 -11.58 0.29 8.79
N LEU A 280 -11.33 0.18 10.09
CA LEU A 280 -11.42 -1.14 10.76
C LEU A 280 -12.36 -0.99 11.97
N ILE A 281 -13.42 -1.77 12.00
CA ILE A 281 -14.39 -1.70 13.12
C ILE A 281 -14.09 -2.84 14.09
N THR A 282 -13.99 -2.52 15.37
CA THR A 282 -13.65 -3.51 16.40
C THR A 282 -14.47 -3.25 17.65
N GLN A 283 -14.88 -4.29 18.36
CA GLN A 283 -15.71 -4.12 19.56
C GLN A 283 -14.87 -4.02 20.83
N VAL A 284 -15.28 -3.13 21.74
CA VAL A 284 -14.66 -3.06 23.08
C VAL A 284 -15.06 -4.34 23.85
N ARG A 285 -14.11 -5.00 24.46
CA ARG A 285 -14.39 -6.22 25.20
C ARG A 285 -14.03 -6.09 26.68
N SER A 286 -12.96 -5.37 27.00
CA SER A 286 -12.54 -5.15 28.37
C SER A 286 -12.07 -3.72 28.58
N VAL A 287 -12.58 -3.10 29.65
CA VAL A 287 -12.16 -1.75 30.02
C VAL A 287 -11.63 -1.81 31.46
N LYS A 288 -10.38 -1.38 31.67
CA LYS A 288 -9.82 -1.49 33.01
C LYS A 288 -8.80 -0.42 33.33
N GLN A 289 -8.62 -0.20 34.63
CA GLN A 289 -7.61 0.71 35.13
C GLN A 289 -6.36 -0.07 35.54
N MET A 290 -5.23 0.30 34.99
CA MET A 290 -3.94 -0.26 35.37
C MET A 290 -3.07 0.84 35.98
N GLY A 291 -3.10 0.94 37.31
CA GLY A 291 -2.39 2.04 37.98
C GLY A 291 -3.03 3.35 37.49
N SER A 292 -2.23 4.19 36.84
CA SER A 292 -2.74 5.48 36.35
C SER A 292 -3.16 5.43 34.90
N ARG A 293 -3.12 4.28 34.25
CA ARG A 293 -3.56 4.17 32.87
C ARG A 293 -4.97 3.64 32.73
N HIS A 294 -5.75 4.25 31.84
CA HIS A 294 -7.09 3.75 31.53
C HIS A 294 -7.04 2.95 30.23
N PHE A 295 -7.27 1.64 30.31
CA PHE A 295 -7.11 0.73 29.20
C PHE A 295 -8.43 0.31 28.58
N VAL A 296 -8.50 0.35 27.25
CA VAL A 296 -9.68 -0.12 26.53
C VAL A 296 -9.21 -1.19 25.53
N LEU A 297 -9.59 -2.44 25.79
CA LEU A 297 -9.15 -3.56 24.98
C LEU A 297 -10.27 -3.98 24.00
N VAL A 298 -9.89 -4.10 22.73
CA VAL A 298 -10.86 -4.47 21.69
C VAL A 298 -10.56 -5.85 21.14
N ASP A 299 -11.37 -6.30 20.17
CA ASP A 299 -11.22 -7.63 19.61
C ASP A 299 -10.41 -7.69 18.34
N ALA A 300 -9.82 -6.58 17.91
CA ALA A 300 -8.84 -6.62 16.82
C ALA A 300 -7.46 -6.33 17.43
N GLY A 301 -6.40 -6.89 16.88
CA GLY A 301 -5.07 -6.74 17.49
C GLY A 301 -4.01 -6.52 16.43
N PHE A 302 -2.72 -6.61 16.81
CA PHE A 302 -1.66 -6.33 15.85
C PHE A 302 -1.60 -7.33 14.72
N ASN A 303 -2.17 -8.52 14.85
CA ASN A 303 -2.20 -9.44 13.71
C ASN A 303 -3.14 -8.91 12.61
N ASP A 304 -4.14 -8.13 13.00
CA ASP A 304 -5.08 -7.54 12.05
C ASP A 304 -4.49 -6.26 11.45
N LEU A 305 -4.29 -5.25 12.29
CA LEU A 305 -3.64 -4.00 11.91
C LEU A 305 -2.27 -3.91 12.60
N MET A 306 -1.22 -4.09 11.84
CA MET A 306 0.13 -4.22 12.33
C MET A 306 0.90 -2.94 12.56
N ARG A 307 0.48 -1.87 11.90
CA ARG A 307 1.19 -0.62 11.81
C ARG A 307 1.64 -0.01 13.10
N PRO A 308 0.76 0.18 14.05
CA PRO A 308 1.09 0.77 15.35
C PRO A 308 2.12 -0.08 16.08
N ALA A 309 1.92 -1.39 16.10
CA ALA A 309 2.89 -2.27 16.79
C ALA A 309 4.22 -2.28 16.09
N MET A 310 4.22 -2.36 14.75
CA MET A 310 5.43 -2.41 13.97
C MET A 310 6.18 -1.09 13.85
N TYR A 311 5.47 0.02 13.65
CA TYR A 311 6.11 1.28 13.31
C TYR A 311 5.78 2.40 14.29
N GLY A 312 4.75 2.25 15.09
CA GLY A 312 4.24 3.33 15.93
C GLY A 312 3.27 4.21 15.13
N SER A 313 2.76 3.66 14.03
CA SER A 313 1.87 4.40 13.15
C SER A 313 0.66 4.95 13.91
N TYR A 314 0.31 6.20 13.63
CA TYR A 314 -0.90 6.81 14.15
C TYR A 314 -2.09 6.49 13.25
N HIS A 315 -3.16 6.02 13.84
CA HIS A 315 -4.44 5.87 13.13
C HIS A 315 -5.53 6.54 13.99
N HIS A 316 -6.28 7.47 13.39
CA HIS A 316 -7.30 8.15 14.19
C HIS A 316 -8.28 7.13 14.75
N ILE A 317 -8.80 7.37 15.95
CA ILE A 317 -9.75 6.42 16.55
C ILE A 317 -11.03 7.16 16.95
N SER A 318 -12.16 6.60 16.57
CA SER A 318 -13.46 7.11 16.99
C SER A 318 -14.19 6.02 17.80
N ALA A 319 -15.13 6.44 18.62
CA ALA A 319 -15.95 5.50 19.39
C ALA A 319 -17.40 5.53 18.92
N LEU A 320 -18.05 4.37 18.90
CA LEU A 320 -19.46 4.28 18.56
C LEU A 320 -20.21 3.58 19.69
N ALA A 321 -21.13 4.29 20.33
CA ALA A 321 -21.95 3.67 21.37
C ALA A 321 -22.76 2.52 20.77
N ALA A 322 -22.89 1.43 21.51
CA ALA A 322 -23.65 0.28 21.07
C ALA A 322 -25.11 0.60 20.81
N ASP A 323 -25.69 1.49 21.64
CA ASP A 323 -27.10 1.82 21.50
C ASP A 323 -27.33 2.91 20.48
N GLY A 324 -26.27 3.49 19.93
CA GLY A 324 -26.36 4.41 18.82
C GLY A 324 -26.43 5.87 19.20
N ARG A 325 -26.46 6.19 20.49
CA ARG A 325 -26.47 7.61 20.88
C ARG A 325 -25.17 8.26 20.43
N SER A 326 -25.23 9.53 20.02
CA SER A 326 -24.02 10.19 19.55
C SER A 326 -23.03 10.37 20.70
N LEU A 327 -21.76 10.12 20.42
CA LEU A 327 -20.70 10.40 21.41
C LEU A 327 -19.84 11.56 20.88
N GLU A 328 -20.41 12.26 19.90
CA GLU A 328 -19.75 13.36 19.24
C GLU A 328 -19.23 14.41 20.21
N HIS A 329 -20.06 14.83 21.16
CA HIS A 329 -19.68 15.87 22.10
C HIS A 329 -19.45 15.35 23.51
N ALA A 330 -19.34 14.04 23.68
CA ALA A 330 -19.11 13.45 24.99
C ALA A 330 -17.73 13.84 25.53
N PRO A 331 -17.62 13.87 26.85
CA PRO A 331 -16.34 14.12 27.52
C PRO A 331 -15.37 12.99 27.23
N THR A 332 -14.08 13.30 27.19
CA THR A 332 -13.06 12.33 26.85
C THR A 332 -12.16 11.99 28.03
N VAL A 333 -11.60 10.79 28.03
CA VAL A 333 -10.63 10.37 29.03
C VAL A 333 -9.36 9.87 28.33
N GLU A 334 -8.19 10.23 28.86
CA GLU A 334 -6.95 9.77 28.21
C GLU A 334 -6.93 8.23 28.28
N THR A 335 -6.93 7.62 27.10
CA THR A 335 -7.17 6.17 27.00
C THR A 335 -6.03 5.48 26.27
N VAL A 336 -5.57 4.35 26.81
CA VAL A 336 -4.73 3.47 25.99
C VAL A 336 -5.57 2.37 25.37
N VAL A 337 -5.47 2.25 24.05
CA VAL A 337 -6.27 1.26 23.32
C VAL A 337 -5.41 0.08 22.91
N ALA A 338 -5.85 -1.12 23.26
CA ALA A 338 -5.06 -2.32 23.07
C ALA A 338 -5.92 -3.49 22.60
N GLY A 339 -5.30 -4.56 22.12
CA GLY A 339 -5.99 -5.69 21.55
C GLY A 339 -6.17 -6.89 22.47
N PRO A 340 -6.58 -8.00 21.86
CA PRO A 340 -6.86 -9.24 22.54
C PRO A 340 -5.70 -10.21 22.58
N LEU A 341 -4.59 -9.89 21.92
CA LEU A 341 -3.51 -10.86 21.77
C LEU A 341 -2.81 -11.07 23.12
N CYS A 342 -2.21 -12.26 23.27
CA CYS A 342 -1.43 -12.52 24.49
C CYS A 342 0.02 -12.11 24.28
N GLU A 343 0.20 -10.86 23.87
CA GLU A 343 1.48 -10.27 23.58
C GLU A 343 1.50 -8.79 24.01
N SER A 344 2.52 -8.41 24.76
CA SER A 344 2.64 -7.07 25.30
C SER A 344 2.62 -5.96 24.27
N GLY A 345 3.15 -6.16 23.08
CA GLY A 345 3.18 -5.17 22.03
C GLY A 345 1.85 -4.93 21.35
N ASP A 346 0.78 -5.57 21.76
CA ASP A 346 -0.53 -5.43 21.17
C ASP A 346 -1.29 -4.21 21.68
N VAL A 347 -0.73 -3.04 21.40
CA VAL A 347 -1.30 -1.76 21.82
C VAL A 347 -1.36 -0.81 20.61
N PHE A 348 -2.54 -0.28 20.33
CA PHE A 348 -2.73 0.55 19.14
C PHE A 348 -2.25 1.97 19.39
N THR A 349 -2.22 2.40 20.65
CA THR A 349 -1.76 3.74 20.98
C THR A 349 -0.35 3.70 21.57
N GLN A 350 0.65 3.60 20.70
CA GLN A 350 2.04 3.59 21.09
C GLN A 350 2.89 4.33 20.04
N GLN A 351 4.00 4.90 20.50
CA GLN A 351 4.90 5.62 19.63
C GLN A 351 5.91 4.68 18.97
N GLU A 352 6.50 5.15 17.89
CA GLU A 352 7.70 4.47 17.33
C GLU A 352 8.64 4.20 18.51
N GLY A 353 9.17 2.99 18.62
CA GLY A 353 10.04 2.67 19.75
C GLY A 353 9.33 1.96 20.87
N GLY A 354 8.00 2.01 20.92
CA GLY A 354 7.25 1.19 21.87
C GLY A 354 6.63 1.91 23.02
N ASN A 355 6.89 3.20 23.22
CA ASN A 355 6.32 3.91 24.36
C ASN A 355 4.79 3.93 24.28
N VAL A 356 4.15 3.56 25.38
CA VAL A 356 2.69 3.62 25.44
C VAL A 356 2.25 5.07 25.51
N GLU A 357 1.19 5.39 24.79
CA GLU A 357 0.64 6.75 24.87
C GLU A 357 -0.88 6.66 24.95
N THR A 358 -1.52 7.75 25.32
CA THR A 358 -2.96 7.78 25.47
C THR A 358 -3.63 8.57 24.34
N ARG A 359 -4.92 8.40 24.22
CA ARG A 359 -5.72 9.08 23.20
C ARG A 359 -7.00 9.60 23.85
N ALA A 360 -7.33 10.86 23.61
CA ALA A 360 -8.56 11.41 24.20
C ALA A 360 -9.76 10.77 23.53
N LEU A 361 -10.53 9.97 24.27
CA LEU A 361 -11.68 9.26 23.72
C LEU A 361 -12.86 9.27 24.68
N PRO A 362 -14.07 9.24 24.16
CA PRO A 362 -15.26 9.05 24.98
C PRO A 362 -15.10 7.77 25.81
N GLU A 363 -15.75 7.72 26.95
CA GLU A 363 -15.58 6.63 27.90
C GLU A 363 -16.47 5.44 27.56
N VAL A 364 -16.03 4.59 26.67
CA VAL A 364 -16.81 3.45 26.21
C VAL A 364 -16.83 2.32 27.23
N LYS A 365 -17.71 1.36 27.03
CA LYS A 365 -17.86 0.18 27.83
C LYS A 365 -17.84 -1.06 26.88
N ALA A 366 -17.67 -2.23 27.44
CA ALA A 366 -17.72 -3.45 26.63
C ALA A 366 -19.03 -3.46 25.83
N GLY A 367 -18.96 -3.86 24.56
CA GLY A 367 -20.19 -3.81 23.73
C GLY A 367 -20.14 -2.64 22.78
N ASP A 368 -19.51 -1.54 23.19
CA ASP A 368 -19.38 -0.37 22.27
C ASP A 368 -18.34 -0.74 21.21
N TYR A 369 -18.22 0.06 20.17
CA TYR A 369 -17.25 -0.17 19.14
C TYR A 369 -16.26 0.99 19.02
N LEU A 370 -15.07 0.68 18.49
CA LEU A 370 -14.10 1.68 18.10
C LEU A 370 -13.87 1.56 16.58
N VAL A 371 -13.69 2.69 15.93
CA VAL A 371 -13.34 2.67 14.51
C VAL A 371 -11.90 3.15 14.35
N LEU A 372 -11.06 2.34 13.72
CA LEU A 372 -9.69 2.80 13.41
C LEU A 372 -9.73 3.37 11.99
N HIS A 373 -9.43 4.66 11.86
CA HIS A 373 -9.52 5.34 10.57
C HIS A 373 -8.31 5.06 9.68
N ASP A 374 -8.51 5.29 8.38
CA ASP A 374 -7.43 5.31 7.42
C ASP A 374 -6.62 4.02 7.42
N THR A 375 -7.33 2.89 7.38
CA THR A 375 -6.67 1.58 7.38
C THR A 375 -6.78 0.89 6.03
N GLY A 376 -7.09 1.64 4.98
CA GLY A 376 -7.22 1.06 3.65
C GLY A 376 -5.90 0.57 3.09
N ALA A 377 -4.79 1.19 3.53
CA ALA A 377 -3.48 0.80 3.00
C ALA A 377 -2.64 0.11 4.08
N TYR A 378 -2.06 -1.02 3.73
CA TYR A 378 -1.23 -1.80 4.64
C TYR A 378 -1.97 -2.15 5.92
N GLY A 379 -3.27 -2.41 5.78
CA GLY A 379 -4.09 -2.89 6.91
C GLY A 379 -4.27 -4.40 6.72
N ALA A 380 -5.35 -4.77 6.03
CA ALA A 380 -5.60 -6.15 5.68
C ALA A 380 -4.43 -6.77 4.95
N SER A 381 -3.68 -6.00 4.14
CA SER A 381 -2.62 -6.58 3.34
C SER A 381 -1.47 -7.12 4.20
N MET A 382 -1.27 -6.56 5.37
CA MET A 382 -0.18 -7.01 6.24
C MET A 382 -0.63 -8.05 7.26
N SER A 383 -1.91 -8.33 7.35
CA SER A 383 -2.45 -9.18 8.39
C SER A 383 -1.75 -10.52 8.51
N SER A 384 -1.71 -11.05 9.73
CA SER A 384 -1.14 -12.37 9.97
C SER A 384 -2.14 -13.25 10.73
N ASN A 385 -1.78 -14.52 10.94
CA ASN A 385 -2.59 -15.42 11.72
C ASN A 385 -2.04 -15.63 13.13
N TYR A 386 -1.26 -14.68 13.63
CA TYR A 386 -0.69 -14.78 14.97
C TYR A 386 -1.76 -15.02 16.02
N ASN A 387 -1.46 -15.91 16.98
CA ASN A 387 -2.41 -16.36 17.98
C ASN A 387 -3.53 -17.18 17.36
N SER A 388 -3.23 -17.86 16.25
CA SER A 388 -4.22 -18.64 15.53
C SER A 388 -5.50 -17.85 15.32
N ARG A 389 -5.33 -16.62 14.80
CA ARG A 389 -6.46 -15.75 14.50
C ARG A 389 -6.62 -15.61 12.98
N PRO A 390 -7.83 -15.75 12.50
CA PRO A 390 -8.14 -15.86 11.10
C PRO A 390 -8.21 -14.53 10.39
N LEU A 391 -7.82 -14.50 9.12
CA LEU A 391 -8.03 -13.28 8.31
C LEU A 391 -9.47 -12.81 8.43
N LEU A 392 -9.66 -11.51 8.60
CA LEU A 392 -10.95 -10.89 8.80
C LEU A 392 -11.73 -10.76 7.49
N PRO A 393 -13.02 -10.54 7.61
CA PRO A 393 -13.86 -10.24 6.46
C PRO A 393 -13.61 -8.82 5.97
N GLU A 394 -13.83 -8.59 4.68
CA GLU A 394 -13.71 -7.26 4.08
C GLU A 394 -15.04 -6.87 3.43
N VAL A 395 -15.47 -5.64 3.61
CA VAL A 395 -16.72 -5.13 3.08
C VAL A 395 -16.46 -3.87 2.24
N LEU A 396 -17.11 -3.80 1.09
CA LEU A 396 -16.97 -2.67 0.19
C LEU A 396 -18.26 -1.87 0.05
N PHE A 397 -18.18 -0.58 0.36
CA PHE A 397 -19.31 0.30 0.17
C PHE A 397 -19.22 0.89 -1.25
N ASP A 398 -20.32 0.81 -1.98
CA ASP A 398 -20.46 1.53 -3.24
C ASP A 398 -21.85 2.20 -3.25
N ASN A 399 -21.85 3.51 -3.21
CA ASN A 399 -23.00 4.36 -3.07
C ASN A 399 -24.08 3.81 -2.16
N GLY A 400 -23.76 3.76 -0.85
CA GLY A 400 -24.67 3.38 0.17
C GLY A 400 -24.85 1.90 0.40
N GLN A 401 -24.47 1.05 -0.54
CA GLN A 401 -24.63 -0.38 -0.40
C GLN A 401 -23.33 -1.09 -0.05
N ALA A 402 -23.36 -1.79 1.09
CA ALA A 402 -22.21 -2.55 1.58
C ALA A 402 -22.28 -3.98 1.06
N ARG A 403 -21.16 -4.47 0.52
CA ARG A 403 -21.11 -5.85 0.04
C ARG A 403 -19.84 -6.54 0.55
N LEU A 404 -20.00 -7.81 0.87
CA LEU A 404 -18.88 -8.65 1.30
C LEU A 404 -17.92 -8.87 0.13
N ILE A 405 -16.66 -8.52 0.31
CA ILE A 405 -15.67 -8.80 -0.75
C ILE A 405 -14.62 -9.78 -0.26
N ARG A 406 -14.67 -10.12 1.03
CA ARG A 406 -13.89 -11.22 1.57
C ARG A 406 -14.58 -11.82 2.81
N ARG A 407 -14.84 -13.11 2.76
CA ARG A 407 -15.43 -13.79 3.92
C ARG A 407 -14.33 -14.04 4.97
N ARG A 408 -14.74 -14.17 6.21
CA ARG A 408 -13.83 -14.47 7.29
C ARG A 408 -13.15 -15.83 7.05
N GLN A 409 -11.83 -15.84 7.19
CA GLN A 409 -11.09 -17.11 7.09
C GLN A 409 -11.52 -17.98 8.28
N THR A 410 -11.32 -19.26 8.16
CA THR A 410 -11.79 -20.20 9.23
C THR A 410 -10.60 -20.89 9.84
N ILE A 411 -10.67 -21.33 11.10
CA ILE A 411 -9.61 -22.16 11.67
C ILE A 411 -9.50 -23.49 10.97
N GLU A 412 -10.61 -24.02 10.44
CA GLU A 412 -10.54 -25.29 9.69
C GLU A 412 -9.65 -25.21 8.47
N GLU A 413 -9.72 -24.12 7.73
CA GLU A 413 -8.88 -23.90 6.56
C GLU A 413 -7.41 -23.83 6.90
N LEU A 414 -7.06 -23.34 8.09
CA LEU A 414 -5.65 -23.31 8.51
C LEU A 414 -5.22 -24.68 9.00
N LEU A 415 -6.14 -25.42 9.62
CA LEU A 415 -5.80 -26.77 10.07
C LEU A 415 -5.68 -27.75 8.92
N ALA A 416 -6.39 -27.48 7.82
CA ALA A 416 -6.31 -28.31 6.63
C ALA A 416 -4.88 -28.43 6.11
N LEU A 417 -4.06 -27.42 6.35
CA LEU A 417 -2.66 -27.44 5.97
C LEU A 417 -1.88 -28.49 6.76
N GLU A 418 -2.36 -28.82 7.95
CA GLU A 418 -1.66 -29.76 8.83
C GLU A 418 -2.30 -31.13 8.89
N LEU A 419 -3.53 -31.27 8.40
CA LEU A 419 -4.20 -32.58 8.40
C LEU A 419 -3.94 -33.29 7.08
N LEU A 420 -2.77 -33.92 6.98
CA LEU A 420 -2.24 -34.42 5.73
C LEU A 420 -2.55 -35.89 5.51
N1 PLP B . 6.19 0.83 -5.80
N1 PLP B . 6.22 0.71 -5.80
N1 PLP B . 6.22 0.72 -5.78
C2 PLP B . 6.94 -0.21 -5.31
C2 PLP B . 7.14 -0.06 -5.13
C2 PLP B . 7.17 -0.03 -5.12
C2A PLP B . 8.00 -0.84 -6.22
C2A PLP B . 8.28 -0.70 -5.94
C2A PLP B . 8.32 -0.64 -5.95
C3 PLP B . 6.68 -0.65 -4.01
C3 PLP B . 7.00 -0.19 -3.75
C3 PLP B . 7.04 -0.18 -3.74
O3 PLP B . 7.36 -1.62 -3.51
O3 PLP B . 7.84 -0.90 -3.07
O3 PLP B . 7.91 -0.87 -3.07
C4 PLP B . 5.69 -0.01 -3.19
C4 PLP B . 5.95 0.47 -3.05
C4 PLP B . 5.99 0.47 -3.01
C4A PLP B . 5.23 -0.25 -1.75
C4A PLP B . 5.68 0.26 -1.63
C4A PLP B . 5.76 0.22 -1.59
C5 PLP B . 4.98 1.05 -3.78
C5 PLP B . 5.00 1.20 -3.84
C5 PLP B . 5.03 1.18 -3.79
C6 PLP B . 5.23 1.48 -5.11
C6 PLP B . 5.17 1.34 -5.21
C6 PLP B . 5.18 1.32 -5.17
C5A PLP B . 3.83 1.73 -3.05
C5A PLP B . 3.85 1.90 -3.15
C5A PLP B . 3.86 1.85 -3.08
O4P PLP B . 4.34 2.59 -2.02
O4P PLP B . 4.32 2.61 -1.96
O4P PLP B . 4.34 2.62 -1.95
P PLP B . 3.28 3.59 -1.33
P PLP B . 3.29 3.64 -1.29
P PLP B . 3.29 3.64 -1.29
O1P PLP B . 2.16 2.76 -0.79
O1P PLP B . 2.13 2.85 -0.75
O1P PLP B . 2.13 2.84 -0.75
O2P PLP B . 3.91 4.40 -0.30
O2P PLP B . 3.95 4.42 -0.22
O2P PLP B . 3.93 4.43 -0.21
O3P PLP B . 2.75 4.49 -2.44
O3P PLP B . 2.79 4.58 -2.36
O3P PLP B . 2.80 4.57 -2.37
N LYS C . 4.04 -1.47 5.33
CA LYS C . 4.55 -0.10 5.16
C LYS C . 3.66 0.86 5.99
O LYS C . 4.00 2.03 6.20
CB LYS C . 4.50 0.33 3.70
CG LYS C . 5.78 0.06 2.91
CD LYS C . 5.57 0.29 1.41
CE LYS C . 6.84 0.27 0.60
NZ LYS C . 6.59 -0.03 -0.81
OXT LYS C . 2.59 0.39 6.40
N DLY D . 6.76 0.20 -0.85
CA DLY D . 7.03 0.33 0.51
C DLY D . 8.10 1.20 1.08
O DLY D . 8.18 2.42 0.82
CB DLY D . 6.28 -0.46 1.49
CG DLY D . 5.15 0.19 2.25
CD DLY D . 5.46 0.39 3.73
CE DLY D . 5.08 -0.81 4.56
NZ DLY D . 3.73 -0.67 5.14
OXT DLY D . 8.94 0.67 1.90
#